data_9GYJ
#
_entry.id   9GYJ
#
_cell.length_a   65.745
_cell.length_b   65.745
_cell.length_c   262.744
_cell.angle_alpha   90.00
_cell.angle_beta   90.00
_cell.angle_gamma   120.00
#
_symmetry.space_group_name_H-M   'P 65 2 2'
#
loop_
_entity.id
_entity.type
_entity.pdbx_description
1 polymer 'Vitamin D3 receptor A'
2 polymer 'Nuclear receptor coactivator 2'
3 non-polymer 'ACETATE ION'
4 non-polymer (1~{R},3~{S},5~{Z})-5-[(2~{E})-2-[(1~{R},3~{a}~{S},7~{a}~{R})-7~{a}-methyl-1-[(2~{R})-5-trimethylsilylpent-4-yn-2-yl]-2,3,3~{a},5,6,7-hexahydro-1~{H}-inden-4-ylidene]ethylidene]-4-methylidene-cyclohexane-1,3-diol
5 water water
#
loop_
_entity_poly.entity_id
_entity_poly.type
_entity_poly.pdbx_seq_one_letter_code
_entity_poly.pdbx_strand_id
1 'polypeptide(L)'
;GSHMLSDEQMQIINSLVEAHHKTYDDSYSDFVRFRPPVREGPVTRSASRAASLHSLSDASSDSFNHSPESVDTKLNFSNL
LMMYQDSGSPDSSEEDQQSRLSMLPHLADLVSYSIQKVIGFAKMIPGFRDLTAEDQIALLKSSAIEIIMLRSNQSFSLED
MSWSCGGPDFKYCINDVTKAGHTLELLEPLVKFQVGLKKLKLHEEEHVLLMAICLLSPDRPGVQDHVRIEALQDRLCDVL
QAYIRIQHPGGRLLYAKMIQKLADLRSLNEEHSKQYRSLSFQPEHSMQLTPLVLEVFGSEVS
;
A
2 'polypeptide(L)' KHKILHRLLQDSS B
#
loop_
_chem_comp.id
_chem_comp.type
_chem_comp.name
_chem_comp.formula
A1IQN non-polymer (1~{R},3~{S},5~{Z})-5-[(2~{E})-2-[(1~{R},3~{a}~{S},7~{a}~{R})-7~{a}-methyl-1-[(2~{R})-5-trimethylsilylpent-4-yn-2-yl]-2,3,3~{a},5,6,7-hexahydro-1~{H}-inden-4-ylidene]ethylidene]-4-methylidene-cyclohexane-1,3-diol 'C27 H42 O2 Si'
ACT non-polymer 'ACETATE ION' 'C2 H3 O2 -1'
#
# COMPACT_ATOMS: atom_id res chain seq x y z
N MET A 4 -12.54 14.18 -23.08
CA MET A 4 -11.28 13.64 -23.57
C MET A 4 -10.09 14.03 -22.67
N LEU A 5 -9.09 13.14 -22.58
CA LEU A 5 -7.94 13.35 -21.71
C LEU A 5 -6.91 14.28 -22.32
N SER A 6 -6.28 15.10 -21.48
CA SER A 6 -5.25 16.03 -21.93
C SER A 6 -3.90 15.36 -21.97
N ASP A 7 -2.95 16.03 -22.62
CA ASP A 7 -1.59 15.49 -22.74
C ASP A 7 -0.89 15.45 -21.38
N GLU A 8 -1.10 16.46 -20.54
CA GLU A 8 -0.46 16.41 -19.23
C GLU A 8 -1.12 15.36 -18.34
N GLN A 9 -2.44 15.21 -18.43
CA GLN A 9 -3.11 14.14 -17.72
C GLN A 9 -2.58 12.77 -18.10
N MET A 10 -2.26 12.57 -19.38
CA MET A 10 -1.79 11.26 -19.79
C MET A 10 -0.32 11.04 -19.46
N GLN A 11 0.49 12.11 -19.44
CA GLN A 11 1.85 11.97 -18.93
C GLN A 11 1.86 11.51 -17.49
N ILE A 12 0.93 12.03 -16.68
CA ILE A 12 0.80 11.58 -15.29
C ILE A 12 0.52 10.09 -15.24
N ILE A 13 -0.49 9.65 -16.01
CA ILE A 13 -0.79 8.22 -16.09
C ILE A 13 0.43 7.43 -16.51
N ASN A 14 1.10 7.90 -17.57
CA ASN A 14 2.29 7.22 -18.06
C ASN A 14 3.34 7.05 -16.97
N SER A 15 3.78 8.15 -16.37
CA SER A 15 4.85 8.04 -15.39
C SER A 15 4.40 7.26 -14.16
N LEU A 16 3.10 7.26 -13.86
CA LEU A 16 2.61 6.48 -12.74
C LEU A 16 2.58 4.98 -13.04
N VAL A 17 2.24 4.61 -14.27
CA VAL A 17 2.26 3.20 -14.65
C VAL A 17 3.70 2.69 -14.69
N GLU A 18 4.61 3.51 -15.24
CA GLU A 18 6.02 3.14 -15.29
C GLU A 18 6.58 2.99 -13.89
N ALA A 19 6.16 3.85 -12.96
CA ALA A 19 6.66 3.78 -11.60
C ALA A 19 6.24 2.48 -10.93
N HIS A 20 5.02 2.02 -11.21
CA HIS A 20 4.52 0.79 -10.61
C HIS A 20 5.18 -0.43 -11.25
N HIS A 21 5.37 -0.42 -12.56
CA HIS A 21 6.06 -1.56 -13.17
C HIS A 21 7.49 -1.67 -12.68
N LYS A 22 8.13 -0.54 -12.35
CA LYS A 22 9.48 -0.57 -11.84
C LYS A 22 9.57 -1.07 -10.40
N THR A 23 8.45 -1.08 -9.67
CA THR A 23 8.49 -1.39 -8.25
C THR A 23 7.63 -2.58 -7.88
N TYR A 24 6.95 -3.20 -8.82
CA TYR A 24 6.20 -4.41 -8.54
C TYR A 24 6.68 -5.48 -9.51
N ASP A 25 7.24 -6.54 -8.97
CA ASP A 25 7.86 -7.60 -9.73
C ASP A 25 6.91 -8.80 -9.71
N ASP A 26 6.21 -9.02 -10.82
CA ASP A 26 5.22 -10.08 -10.92
C ASP A 26 5.82 -11.48 -10.85
N SER A 27 7.15 -11.60 -10.89
CA SER A 27 7.74 -12.94 -10.75
C SER A 27 7.88 -13.35 -9.29
N TYR A 28 7.87 -12.38 -8.37
CA TYR A 28 8.01 -12.65 -6.95
C TYR A 28 9.28 -13.43 -6.63
N SER A 29 10.24 -13.44 -7.56
CA SER A 29 11.42 -14.27 -7.32
C SER A 29 12.24 -13.76 -6.13
N ASP A 30 12.08 -12.49 -5.74
CA ASP A 30 12.74 -11.98 -4.55
C ASP A 30 12.26 -12.63 -3.25
N PHE A 31 11.09 -13.29 -3.26
CA PHE A 31 10.54 -13.79 -2.00
C PHE A 31 11.34 -14.94 -1.42
N VAL A 32 12.19 -15.58 -2.22
CA VAL A 32 12.93 -16.72 -1.71
C VAL A 32 14.02 -16.26 -0.75
N ARG A 33 14.30 -14.96 -0.68
CA ARG A 33 15.31 -14.52 0.28
C ARG A 33 14.71 -13.94 1.55
N PHE A 34 13.39 -13.98 1.69
CA PHE A 34 12.80 -13.72 2.98
C PHE A 34 13.10 -14.90 3.92
N ARG A 35 13.07 -14.63 5.22
CA ARG A 35 13.02 -15.75 6.15
C ARG A 35 11.86 -16.65 5.78
N PRO A 36 12.06 -17.96 5.67
CA PRO A 36 11.04 -18.83 5.07
C PRO A 36 9.75 -18.84 5.87
N PRO A 37 8.61 -19.10 5.23
CA PRO A 37 7.35 -19.23 5.99
C PRO A 37 7.31 -20.51 6.79
N VAL A 38 6.57 -20.48 7.91
CA VAL A 38 6.38 -21.66 8.76
C VAL A 38 4.92 -21.74 9.17
N ARG A 39 4.30 -22.88 8.91
CA ARG A 39 2.87 -23.04 9.14
C ARG A 39 2.56 -24.22 10.05
N ARG A 100 2.95 -19.04 18.94
CA ARG A 100 4.31 -19.22 18.46
C ARG A 100 4.69 -18.12 17.47
N LEU A 101 3.68 -17.69 16.70
CA LEU A 101 3.83 -16.71 15.64
C LEU A 101 4.80 -17.19 14.57
N SER A 102 4.56 -18.41 14.10
CA SER A 102 5.45 -19.06 13.13
C SER A 102 5.57 -18.28 11.84
N MET A 103 4.56 -17.49 11.47
CA MET A 103 4.65 -16.76 10.21
C MET A 103 5.17 -15.34 10.36
N LEU A 104 5.36 -14.86 11.58
CA LEU A 104 5.82 -13.48 11.75
C LEU A 104 7.17 -13.19 11.07
N PRO A 105 8.21 -14.03 11.16
CA PRO A 105 9.44 -13.71 10.41
C PRO A 105 9.23 -13.51 8.91
N HIS A 106 8.58 -14.45 8.23
CA HIS A 106 8.36 -14.33 6.79
C HIS A 106 7.50 -13.12 6.45
N LEU A 107 6.42 -12.90 7.20
CA LEU A 107 5.55 -11.77 6.85
C LEU A 107 6.22 -10.44 7.21
N ALA A 108 7.05 -10.43 8.24
CA ALA A 108 7.84 -9.24 8.53
C ALA A 108 8.73 -8.89 7.33
N ASP A 109 9.37 -9.91 6.74
CA ASP A 109 10.24 -9.63 5.61
C ASP A 109 9.43 -9.22 4.37
N LEU A 110 8.28 -9.88 4.12
CA LEU A 110 7.40 -9.45 3.03
C LEU A 110 7.02 -7.98 3.18
N VAL A 111 6.53 -7.59 4.37
CA VAL A 111 6.10 -6.21 4.56
C VAL A 111 7.28 -5.26 4.41
N SER A 112 8.46 -5.62 4.94
CA SER A 112 9.63 -4.75 4.83
C SER A 112 10.01 -4.53 3.37
N TYR A 113 10.11 -5.63 2.61
CA TYR A 113 10.36 -5.54 1.18
C TYR A 113 9.30 -4.65 0.51
N SER A 114 8.04 -4.80 0.90
CA SER A 114 6.97 -4.05 0.25
C SER A 114 7.09 -2.56 0.57
N ILE A 115 7.53 -2.22 1.78
CA ILE A 115 7.69 -0.82 2.13
C ILE A 115 8.73 -0.17 1.23
N GLN A 116 9.87 -0.85 1.01
CA GLN A 116 10.89 -0.33 0.11
C GLN A 116 10.30 -0.06 -1.28
N LYS A 117 9.42 -0.95 -1.76
CA LYS A 117 8.85 -0.72 -3.08
C LYS A 117 7.87 0.44 -3.09
N VAL A 118 7.14 0.65 -1.98
CA VAL A 118 6.22 1.79 -1.92
C VAL A 118 7.00 3.09 -1.92
N ILE A 119 8.11 3.13 -1.16
CA ILE A 119 8.97 4.31 -1.16
C ILE A 119 9.46 4.58 -2.57
N GLY A 120 9.88 3.53 -3.27
CA GLY A 120 10.32 3.70 -4.65
C GLY A 120 9.20 4.20 -5.54
N PHE A 121 7.98 3.74 -5.29
CA PHE A 121 6.84 4.20 -6.09
C PHE A 121 6.54 5.68 -5.80
N ALA A 122 6.48 6.02 -4.52
CA ALA A 122 6.25 7.40 -4.12
C ALA A 122 7.25 8.36 -4.76
N LYS A 123 8.54 8.00 -4.74
CA LYS A 123 9.57 8.89 -5.30
C LYS A 123 9.34 9.19 -6.77
N MET A 124 8.58 8.36 -7.46
CA MET A 124 8.26 8.64 -8.85
C MET A 124 6.86 9.20 -9.07
N ILE A 125 6.11 9.43 -8.01
CA ILE A 125 4.86 10.19 -8.20
C ILE A 125 5.21 11.63 -8.53
N PRO A 126 4.65 12.21 -9.59
CA PRO A 126 4.94 13.62 -9.90
C PRO A 126 4.61 14.51 -8.71
N GLY A 127 5.63 15.23 -8.22
CA GLY A 127 5.47 16.19 -7.16
C GLY A 127 5.86 15.69 -5.79
N PHE A 128 5.75 14.38 -5.54
CA PHE A 128 6.12 13.84 -4.23
C PHE A 128 7.57 14.18 -3.89
N ARG A 129 8.47 13.96 -4.84
CA ARG A 129 9.90 14.20 -4.61
C ARG A 129 10.18 15.64 -4.24
N ASP A 130 9.31 16.56 -4.62
CA ASP A 130 9.48 17.97 -4.32
C ASP A 130 8.95 18.37 -2.95
N LEU A 131 8.18 17.51 -2.29
CA LEU A 131 7.78 17.76 -0.92
C LEU A 131 9.01 17.82 -0.01
N THR A 132 8.85 18.47 1.13
CA THR A 132 9.90 18.40 2.15
C THR A 132 10.12 16.95 2.56
N ALA A 133 11.33 16.67 3.05
CA ALA A 133 11.59 15.31 3.52
C ALA A 133 10.65 14.93 4.65
N GLU A 134 10.29 15.91 5.49
CA GLU A 134 9.38 15.63 6.59
C GLU A 134 7.99 15.29 6.08
N ASP A 135 7.49 16.01 5.06
CA ASP A 135 6.19 15.66 4.50
C ASP A 135 6.24 14.32 3.77
N GLN A 136 7.33 14.05 3.05
CA GLN A 136 7.49 12.73 2.44
C GLN A 136 7.41 11.63 3.50
N ILE A 137 8.15 11.80 4.59
CA ILE A 137 8.12 10.81 5.66
C ILE A 137 6.72 10.71 6.26
N ALA A 138 6.11 11.87 6.55
CA ALA A 138 4.79 11.87 7.17
C ALA A 138 3.77 11.12 6.33
N LEU A 139 3.75 11.38 5.01
CA LEU A 139 2.83 10.65 4.14
C LEU A 139 3.14 9.16 4.12
N LEU A 140 4.42 8.78 4.09
CA LEU A 140 4.72 7.36 3.98
C LEU A 140 4.41 6.64 5.30
N LYS A 141 4.68 7.28 6.44
CA LYS A 141 4.38 6.62 7.72
C LYS A 141 2.88 6.37 7.89
N SER A 142 2.03 7.31 7.46
CA SER A 142 0.61 7.05 7.64
C SER A 142 0.03 6.16 6.55
N SER A 143 0.53 6.25 5.31
CA SER A 143 -0.09 5.55 4.19
C SER A 143 0.54 4.23 3.81
N ALA A 144 1.75 3.89 4.28
CA ALA A 144 2.42 2.70 3.76
C ALA A 144 1.55 1.45 3.89
N ILE A 145 0.95 1.26 5.06
CA ILE A 145 0.16 0.05 5.27
C ILE A 145 -1.03 0.02 4.32
N GLU A 146 -1.58 1.20 4.00
CA GLU A 146 -2.72 1.24 3.07
C GLU A 146 -2.28 0.89 1.66
N ILE A 147 -1.13 1.44 1.23
CA ILE A 147 -0.65 1.14 -0.11
C ILE A 147 -0.27 -0.32 -0.23
N ILE A 148 0.28 -0.91 0.84
CA ILE A 148 0.56 -2.35 0.83
C ILE A 148 -0.72 -3.14 0.65
N MET A 149 -1.81 -2.74 1.33
CA MET A 149 -3.06 -3.44 1.18
C MET A 149 -3.63 -3.28 -0.24
N LEU A 150 -3.48 -2.08 -0.81
CA LEU A 150 -3.96 -1.85 -2.17
C LEU A 150 -3.12 -2.63 -3.18
N ARG A 151 -1.79 -2.51 -3.09
CA ARG A 151 -0.93 -3.15 -4.09
C ARG A 151 -1.02 -4.66 -4.01
N SER A 152 -1.31 -5.21 -2.83
CA SER A 152 -1.42 -6.66 -2.69
C SER A 152 -2.60 -7.23 -3.46
N ASN A 153 -3.57 -6.40 -3.86
CA ASN A 153 -4.69 -6.91 -4.66
C ASN A 153 -4.18 -7.57 -5.94
N GLN A 154 -3.02 -7.16 -6.45
CA GLN A 154 -2.46 -7.77 -7.65
C GLN A 154 -2.10 -9.24 -7.48
N SER A 155 -1.85 -9.72 -6.25
CA SER A 155 -1.61 -11.15 -6.04
C SER A 155 -2.83 -11.89 -5.53
N PHE A 156 -3.88 -11.18 -5.15
CA PHE A 156 -5.04 -11.79 -4.52
C PHE A 156 -5.87 -12.54 -5.56
N SER A 157 -6.39 -13.70 -5.15
CA SER A 157 -7.16 -14.58 -6.02
C SER A 157 -8.55 -14.74 -5.44
N LEU A 158 -9.58 -14.40 -6.24
CA LEU A 158 -10.94 -14.62 -5.79
C LEU A 158 -11.22 -16.11 -5.60
N GLU A 159 -10.65 -16.95 -6.46
CA GLU A 159 -10.89 -18.38 -6.38
C GLU A 159 -10.32 -18.95 -5.09
N ASP A 160 -9.11 -18.55 -4.72
CA ASP A 160 -8.43 -19.06 -3.53
C ASP A 160 -8.77 -18.29 -2.27
N MET A 161 -9.30 -17.07 -2.39
CA MET A 161 -9.51 -16.17 -1.26
C MET A 161 -8.21 -15.90 -0.53
N SER A 162 -7.11 -15.89 -1.28
CA SER A 162 -5.79 -15.75 -0.68
C SER A 162 -4.94 -14.92 -1.62
N TRP A 163 -3.77 -14.54 -1.13
CA TRP A 163 -2.75 -13.88 -1.93
C TRP A 163 -1.78 -14.95 -2.41
N SER A 164 -1.64 -15.10 -3.73
CA SER A 164 -0.81 -16.15 -4.32
C SER A 164 0.36 -15.52 -5.06
N CYS A 165 1.58 -15.73 -4.56
CA CYS A 165 2.77 -15.05 -5.09
C CYS A 165 3.71 -16.06 -5.74
N GLY A 166 3.26 -16.66 -6.83
CA GLY A 166 4.12 -17.56 -7.57
C GLY A 166 4.00 -19.00 -7.13
N GLY A 167 4.59 -19.35 -6.00
CA GLY A 167 4.60 -20.71 -5.53
C GLY A 167 3.69 -20.94 -4.34
N PRO A 168 3.40 -22.20 -4.04
CA PRO A 168 2.62 -22.52 -2.83
C PRO A 168 3.34 -22.15 -1.54
N ASP A 169 4.67 -22.06 -1.56
CA ASP A 169 5.39 -21.50 -0.43
C ASP A 169 4.94 -20.08 -0.15
N PHE A 170 4.64 -19.31 -1.21
CA PHE A 170 4.27 -17.92 -1.05
C PHE A 170 2.81 -17.69 -1.41
N LYS A 171 1.95 -18.57 -0.92
CA LYS A 171 0.50 -18.40 -0.95
C LYS A 171 0.02 -18.19 0.48
N TYR A 172 -0.59 -17.04 0.76
CA TYR A 172 -0.94 -16.65 2.12
C TYR A 172 -2.47 -16.69 2.34
N CYS A 173 -2.90 -17.60 3.22
CA CYS A 173 -4.26 -17.68 3.73
C CYS A 173 -4.49 -16.64 4.83
N ILE A 174 -5.76 -16.40 5.15
CA ILE A 174 -6.11 -15.70 6.38
C ILE A 174 -5.39 -16.37 7.55
N ASN A 175 -5.32 -17.69 7.52
CA ASN A 175 -4.76 -18.42 8.65
C ASN A 175 -3.26 -18.18 8.78
N ASP A 176 -2.56 -18.01 7.66
CA ASP A 176 -1.15 -17.66 7.75
C ASP A 176 -0.95 -16.34 8.47
N VAL A 177 -1.81 -15.36 8.19
CA VAL A 177 -1.66 -14.04 8.78
C VAL A 177 -1.99 -14.07 10.26
N THR A 178 -2.83 -15.02 10.69
CA THR A 178 -3.08 -15.16 12.12
C THR A 178 -1.87 -15.70 12.86
N LYS A 179 -1.02 -16.49 12.19
CA LYS A 179 0.22 -16.95 12.78
C LYS A 179 1.33 -15.91 12.67
N ALA A 180 1.00 -14.67 12.30
CA ALA A 180 1.93 -13.56 12.43
C ALA A 180 1.43 -12.52 13.44
N GLY A 181 0.36 -12.80 14.16
CA GLY A 181 -0.09 -11.98 15.28
C GLY A 181 -1.39 -11.23 15.09
N HIS A 182 -2.03 -11.32 13.94
CA HIS A 182 -3.23 -10.53 13.69
C HIS A 182 -4.49 -11.35 13.94
N THR A 183 -5.61 -10.65 14.15
CA THR A 183 -6.87 -11.27 14.50
C THR A 183 -7.90 -11.06 13.39
N LEU A 184 -8.98 -11.82 13.47
CA LEU A 184 -10.03 -11.71 12.46
C LEU A 184 -10.69 -10.35 12.46
N GLU A 185 -10.56 -9.59 13.57
CA GLU A 185 -11.02 -8.21 13.57
C GLU A 185 -10.36 -7.41 12.46
N LEU A 186 -9.12 -7.75 12.12
CA LEU A 186 -8.46 -7.15 10.97
C LEU A 186 -8.63 -8.00 9.72
N LEU A 187 -8.49 -9.31 9.83
CA LEU A 187 -8.31 -10.09 8.62
C LEU A 187 -9.62 -10.25 7.86
N GLU A 188 -10.75 -10.31 8.58
CA GLU A 188 -12.03 -10.41 7.89
C GLU A 188 -12.35 -9.15 7.10
N PRO A 189 -12.31 -7.94 7.67
CA PRO A 189 -12.44 -6.74 6.84
C PRO A 189 -11.40 -6.65 5.73
N LEU A 190 -10.18 -7.10 5.97
CA LEU A 190 -9.15 -7.03 4.93
C LEU A 190 -9.49 -7.92 3.74
N VAL A 191 -9.96 -9.15 4.00
CA VAL A 191 -10.27 -10.05 2.89
C VAL A 191 -11.52 -9.58 2.14
N LYS A 192 -12.53 -9.09 2.87
CA LYS A 192 -13.68 -8.50 2.22
C LYS A 192 -13.29 -7.29 1.38
N PHE A 193 -12.28 -6.55 1.83
CA PHE A 193 -11.78 -5.41 1.05
C PHE A 193 -11.15 -5.88 -0.25
N GLN A 194 -10.23 -6.85 -0.15
CA GLN A 194 -9.59 -7.41 -1.34
C GLN A 194 -10.62 -7.91 -2.35
N VAL A 195 -11.63 -8.65 -1.90
CA VAL A 195 -12.58 -9.21 -2.85
C VAL A 195 -13.38 -8.10 -3.53
N GLY A 196 -13.84 -7.10 -2.78
CA GLY A 196 -14.64 -6.05 -3.39
C GLY A 196 -13.81 -5.17 -4.30
N LEU A 197 -12.55 -4.98 -3.95
CA LEU A 197 -11.60 -4.30 -4.83
C LEU A 197 -11.31 -5.14 -6.08
N LYS A 198 -11.12 -6.46 -5.91
CA LYS A 198 -10.85 -7.30 -7.07
C LYS A 198 -12.05 -7.34 -8.02
N LYS A 199 -13.27 -7.36 -7.46
CA LYS A 199 -14.47 -7.35 -8.29
C LYS A 199 -14.62 -6.05 -9.08
N LEU A 200 -13.96 -4.98 -8.62
CA LEU A 200 -14.01 -3.73 -9.37
C LEU A 200 -13.38 -3.85 -10.74
N LYS A 201 -12.44 -4.79 -10.92
CA LYS A 201 -11.82 -5.06 -12.22
C LYS A 201 -11.13 -3.80 -12.76
N LEU A 202 -10.35 -3.15 -11.92
CA LEU A 202 -9.71 -1.88 -12.28
C LEU A 202 -8.70 -2.06 -13.41
N HIS A 203 -8.64 -1.08 -14.31
CA HIS A 203 -7.52 -1.03 -15.23
C HIS A 203 -6.25 -0.73 -14.45
N GLU A 204 -5.11 -1.12 -15.01
CA GLU A 204 -3.83 -0.80 -14.38
C GLU A 204 -3.72 0.70 -14.10
N GLU A 205 -4.13 1.52 -15.07
CA GLU A 205 -4.14 2.97 -14.93
C GLU A 205 -4.88 3.39 -13.65
N GLU A 206 -6.07 2.82 -13.42
CA GLU A 206 -6.89 3.17 -12.27
C GLU A 206 -6.29 2.67 -10.97
N HIS A 207 -5.78 1.44 -10.95
CA HIS A 207 -5.13 0.89 -9.76
C HIS A 207 -3.92 1.75 -9.36
N VAL A 208 -3.11 2.12 -10.34
CA VAL A 208 -1.95 2.95 -10.08
C VAL A 208 -2.39 4.32 -9.57
N LEU A 209 -3.42 4.91 -10.19
CA LEU A 209 -3.86 6.23 -9.76
C LEU A 209 -4.40 6.19 -8.34
N LEU A 210 -5.13 5.13 -7.98
CA LEU A 210 -5.67 5.04 -6.63
C LEU A 210 -4.55 4.97 -5.59
N MET A 211 -3.46 4.26 -5.89
CA MET A 211 -2.34 4.23 -4.95
C MET A 211 -1.72 5.61 -4.80
N ALA A 212 -1.50 6.31 -5.91
CA ALA A 212 -0.93 7.64 -5.83
C ALA A 212 -1.86 8.61 -5.10
N ILE A 213 -3.18 8.46 -5.31
CA ILE A 213 -4.14 9.30 -4.60
C ILE A 213 -4.07 9.00 -3.10
N CYS A 214 -4.07 7.72 -2.76
CA CYS A 214 -4.00 7.31 -1.35
C CYS A 214 -2.75 7.90 -0.68
N LEU A 215 -1.60 7.78 -1.35
CA LEU A 215 -0.34 8.25 -0.79
C LEU A 215 -0.36 9.77 -0.56
N LEU A 216 -0.87 10.51 -1.53
CA LEU A 216 -0.90 11.97 -1.47
C LEU A 216 -2.17 12.49 -0.81
N SER A 217 -2.65 11.84 0.27
CA SER A 217 -3.79 12.41 0.99
C SER A 217 -3.28 13.38 2.04
N PRO A 218 -3.87 14.58 2.15
CA PRO A 218 -3.37 15.55 3.14
C PRO A 218 -3.92 15.36 4.53
N ASP A 219 -5.06 14.69 4.71
CA ASP A 219 -5.62 14.48 6.04
C ASP A 219 -4.90 13.34 6.73
N ARG A 220 -3.58 13.44 6.80
CA ARG A 220 -2.80 12.47 7.51
C ARG A 220 -2.01 13.18 8.60
N PRO A 221 -1.89 12.59 9.79
CA PRO A 221 -1.14 13.25 10.86
C PRO A 221 0.28 13.57 10.39
N GLY A 222 0.76 14.75 10.79
CA GLY A 222 2.14 15.13 10.55
C GLY A 222 2.40 15.99 9.34
N VAL A 223 1.47 16.08 8.39
CA VAL A 223 1.74 16.83 7.16
C VAL A 223 1.80 18.32 7.45
N GLN A 224 2.73 19.02 6.78
CA GLN A 224 2.89 20.45 6.94
C GLN A 224 2.31 21.22 5.76
N ASP A 225 2.77 20.91 4.54
CA ASP A 225 2.34 21.64 3.36
C ASP A 225 1.03 21.03 2.85
N HIS A 226 0.00 21.20 3.67
CA HIS A 226 -1.33 20.67 3.36
C HIS A 226 -1.80 21.16 1.98
N VAL A 227 -1.61 22.44 1.70
CA VAL A 227 -2.12 23.01 0.44
C VAL A 227 -1.47 22.35 -0.76
N ARG A 228 -0.14 22.17 -0.72
CA ARG A 228 0.54 21.65 -1.89
C ARG A 228 0.16 20.20 -2.15
N ILE A 229 0.12 19.38 -1.11
CA ILE A 229 -0.14 17.99 -1.40
C ILE A 229 -1.62 17.78 -1.74
N GLU A 230 -2.51 18.63 -1.21
CA GLU A 230 -3.91 18.55 -1.63
C GLU A 230 -4.08 18.94 -3.08
N ALA A 231 -3.31 19.94 -3.54
CA ALA A 231 -3.33 20.28 -4.97
C ALA A 231 -2.83 19.12 -5.82
N LEU A 232 -1.81 18.40 -5.34
CA LEU A 232 -1.34 17.23 -6.08
C LEU A 232 -2.43 16.17 -6.15
N GLN A 233 -3.10 15.93 -5.02
CA GLN A 233 -4.15 14.92 -4.99
C GLN A 233 -5.34 15.33 -5.84
N ASP A 234 -5.65 16.63 -5.89
CA ASP A 234 -6.73 17.12 -6.76
C ASP A 234 -6.43 16.79 -8.22
N ARG A 235 -5.23 17.15 -8.69
CA ARG A 235 -4.78 16.79 -10.02
C ARG A 235 -5.02 15.31 -10.31
N LEU A 236 -4.55 14.45 -9.42
CA LEU A 236 -4.65 13.01 -9.62
C LEU A 236 -6.11 12.53 -9.65
N CYS A 237 -6.96 13.09 -8.79
CA CYS A 237 -8.37 12.74 -8.82
C CYS A 237 -9.02 13.18 -10.13
N ASP A 238 -8.72 14.39 -10.59
CA ASP A 238 -9.25 14.84 -11.88
C ASP A 238 -8.82 13.89 -12.99
N VAL A 239 -7.57 13.43 -12.96
CA VAL A 239 -7.12 12.45 -13.95
C VAL A 239 -7.99 11.20 -13.87
N LEU A 240 -8.12 10.63 -12.66
CA LEU A 240 -8.88 9.39 -12.50
C LEU A 240 -10.32 9.54 -12.96
N GLN A 241 -10.98 10.64 -12.59
CA GLN A 241 -12.36 10.84 -13.03
C GLN A 241 -12.46 10.88 -14.55
N ALA A 242 -11.53 11.59 -15.20
CA ALA A 242 -11.59 11.68 -16.65
C ALA A 242 -11.29 10.34 -17.31
N TYR A 243 -10.28 9.63 -16.80
CA TYR A 243 -9.93 8.32 -17.36
C TYR A 243 -11.13 7.38 -17.33
N ILE A 244 -11.78 7.25 -16.17
CA ILE A 244 -12.94 6.37 -16.05
C ILE A 244 -14.02 6.76 -17.05
N ARG A 245 -14.31 8.05 -17.16
CA ARG A 245 -15.38 8.51 -18.04
C ARG A 245 -15.09 8.18 -19.50
N ILE A 246 -13.87 8.49 -19.95
CA ILE A 246 -13.48 8.31 -21.34
C ILE A 246 -13.19 6.85 -21.64
N GLN A 247 -12.43 6.18 -20.76
CA GLN A 247 -11.78 4.92 -21.12
C GLN A 247 -12.38 3.68 -20.46
N HIS A 248 -13.24 3.84 -19.46
CA HIS A 248 -13.78 2.67 -18.77
C HIS A 248 -15.23 2.47 -19.11
N PRO A 249 -15.56 1.52 -20.00
CA PRO A 249 -16.97 1.33 -20.40
C PRO A 249 -17.80 0.86 -19.22
N GLY A 250 -18.93 1.54 -19.00
CA GLY A 250 -19.82 1.19 -17.91
C GLY A 250 -19.31 1.54 -16.53
N GLY A 251 -18.45 2.56 -16.42
CA GLY A 251 -17.85 2.86 -15.13
C GLY A 251 -18.48 4.07 -14.47
N ARG A 252 -19.73 4.36 -14.84
CA ARG A 252 -20.50 5.49 -14.33
C ARG A 252 -20.36 5.66 -12.82
N LEU A 253 -20.30 4.53 -12.10
CA LEU A 253 -20.22 4.52 -10.65
C LEU A 253 -18.84 4.17 -10.13
N LEU A 254 -17.87 3.96 -11.01
CA LEU A 254 -16.59 3.43 -10.55
C LEU A 254 -15.84 4.44 -9.69
N TYR A 255 -15.83 5.73 -10.06
CA TYR A 255 -15.01 6.67 -9.30
C TYR A 255 -15.47 6.73 -7.84
N ALA A 256 -16.78 6.76 -7.61
CA ALA A 256 -17.30 6.81 -6.25
C ALA A 256 -16.97 5.53 -5.48
N LYS A 257 -16.98 4.38 -6.15
CA LYS A 257 -16.61 3.13 -5.48
C LYS A 257 -15.17 3.18 -5.02
N MET A 258 -14.29 3.71 -5.87
CA MET A 258 -12.88 3.74 -5.52
C MET A 258 -12.61 4.67 -4.35
N ILE A 259 -13.35 5.78 -4.30
CA ILE A 259 -13.23 6.73 -3.18
C ILE A 259 -13.72 6.07 -1.89
N GLN A 260 -14.77 5.25 -1.99
CA GLN A 260 -15.20 4.46 -0.84
C GLN A 260 -14.09 3.55 -0.34
N LYS A 261 -13.36 2.91 -1.27
CA LYS A 261 -12.27 2.03 -0.88
C LYS A 261 -11.21 2.78 -0.09
N LEU A 262 -10.94 4.03 -0.46
CA LEU A 262 -10.03 4.86 0.33
C LEU A 262 -10.51 5.01 1.76
N ALA A 263 -11.82 5.19 1.95
CA ALA A 263 -12.37 5.21 3.31
C ALA A 263 -12.18 3.87 4.01
N ASP A 264 -12.42 2.76 3.30
CA ASP A 264 -12.22 1.45 3.91
C ASP A 264 -10.79 1.28 4.39
N LEU A 265 -9.83 1.79 3.63
CA LEU A 265 -8.42 1.66 3.97
C LEU A 265 -8.07 2.39 5.26
N ARG A 266 -8.69 3.55 5.49
CA ARG A 266 -8.50 4.25 6.75
C ARG A 266 -8.88 3.36 7.93
N SER A 267 -10.05 2.71 7.83
CA SER A 267 -10.52 1.83 8.87
C SER A 267 -9.59 0.64 9.07
N LEU A 268 -9.10 0.05 7.97
CA LEU A 268 -8.14 -1.04 8.08
C LEU A 268 -6.81 -0.57 8.65
N ASN A 269 -6.41 0.66 8.32
CA ASN A 269 -5.19 1.25 8.86
C ASN A 269 -5.26 1.33 10.38
N GLU A 270 -6.39 1.83 10.89
CA GLU A 270 -6.58 2.02 12.32
C GLU A 270 -6.58 0.69 13.07
N GLU A 271 -7.26 -0.33 12.54
CA GLU A 271 -7.25 -1.64 13.17
C GLU A 271 -5.84 -2.24 13.13
N HIS A 272 -5.19 -2.19 11.97
CA HIS A 272 -3.83 -2.71 11.88
C HIS A 272 -2.89 -1.98 12.83
N SER A 273 -3.09 -0.67 13.00
CA SER A 273 -2.21 0.06 13.91
C SER A 273 -2.46 -0.34 15.36
N LYS A 274 -3.73 -0.53 15.72
CA LYS A 274 -4.06 -1.10 17.02
C LYS A 274 -3.34 -2.43 17.23
N GLN A 275 -3.43 -3.32 16.26
CA GLN A 275 -2.85 -4.65 16.45
C GLN A 275 -1.34 -4.62 16.35
N TYR A 276 -0.78 -3.64 15.64
CA TYR A 276 0.67 -3.51 15.61
C TYR A 276 1.20 -3.04 16.96
N ARG A 277 0.46 -2.17 17.65
CA ARG A 277 0.90 -1.74 18.98
C ARG A 277 1.01 -2.92 19.93
N SER A 278 0.09 -3.88 19.84
CA SER A 278 0.15 -5.03 20.74
C SER A 278 1.37 -5.91 20.45
N LEU A 279 1.72 -6.06 19.17
CA LEU A 279 2.95 -6.77 18.81
C LEU A 279 4.17 -6.04 19.33
N SER A 280 4.33 -4.78 18.93
CA SER A 280 5.56 -4.06 19.19
C SER A 280 5.80 -3.80 20.67
N PHE A 281 4.79 -3.96 21.52
CA PHE A 281 5.00 -3.90 22.96
C PHE A 281 5.48 -5.20 23.57
N GLN A 282 5.55 -6.28 22.78
CA GLN A 282 6.10 -7.56 23.25
C GLN A 282 7.45 -7.74 22.57
N PRO A 283 8.56 -7.45 23.26
CA PRO A 283 9.87 -7.50 22.60
C PRO A 283 10.20 -8.86 21.98
N GLU A 284 9.69 -9.96 22.54
CA GLU A 284 9.95 -11.26 21.94
C GLU A 284 9.34 -11.39 20.55
N HIS A 285 8.34 -10.56 20.23
CA HIS A 285 7.77 -10.46 18.88
C HIS A 285 8.36 -9.32 18.09
N SER A 286 8.45 -8.13 18.70
CA SER A 286 8.98 -7.01 17.94
C SER A 286 10.39 -7.27 17.45
N MET A 287 11.15 -8.12 18.16
CA MET A 287 12.52 -8.40 17.73
C MET A 287 12.55 -9.18 16.44
N GLN A 288 11.44 -9.82 16.06
CA GLN A 288 11.31 -10.49 14.78
C GLN A 288 11.03 -9.54 13.61
N LEU A 289 10.71 -8.28 13.88
CA LEU A 289 10.45 -7.31 12.83
C LEU A 289 11.77 -6.82 12.22
N THR A 290 11.67 -6.04 11.16
CA THR A 290 12.89 -5.48 10.58
C THR A 290 13.06 -4.06 11.05
N PRO A 291 14.31 -3.54 11.00
CA PRO A 291 14.50 -2.11 11.26
C PRO A 291 13.58 -1.20 10.45
N LEU A 292 13.40 -1.47 9.16
CA LEU A 292 12.57 -0.59 8.35
C LEU A 292 11.12 -0.62 8.81
N VAL A 293 10.58 -1.80 9.09
CA VAL A 293 9.23 -1.90 9.62
C VAL A 293 9.10 -1.14 10.94
N LEU A 294 10.09 -1.28 11.83
CA LEU A 294 10.03 -0.57 13.11
C LEU A 294 10.01 0.94 12.89
N GLU A 295 10.75 1.41 11.91
CA GLU A 295 10.80 2.85 11.63
C GLU A 295 9.46 3.33 11.08
N VAL A 296 8.92 2.59 10.12
CA VAL A 296 7.79 3.08 9.35
C VAL A 296 6.50 2.93 10.15
N PHE A 297 6.29 1.77 10.77
CA PHE A 297 5.08 1.61 11.57
C PHE A 297 5.23 2.21 12.97
N GLY A 298 6.45 2.60 13.36
CA GLY A 298 6.67 3.18 14.67
C GLY A 298 5.98 4.51 14.84
N SER A 299 6.03 5.00 16.08
CA SER A 299 5.26 6.16 16.49
C SER A 299 6.09 7.42 16.57
N GLU A 300 7.37 7.37 16.18
CA GLU A 300 8.24 8.55 16.17
C GLU A 300 7.76 9.60 15.17
N VAL A 301 8.15 10.86 15.40
CA VAL A 301 7.73 11.95 14.54
C VAL A 301 8.90 12.70 13.89
N LYS B 1 16.53 10.69 13.49
CA LYS B 1 15.27 9.92 13.47
C LYS B 1 15.00 9.47 12.03
N HIS B 2 14.28 8.38 11.86
CA HIS B 2 13.87 7.93 10.49
C HIS B 2 15.14 7.84 9.64
N LYS B 3 16.13 7.12 10.16
CA LYS B 3 17.42 7.04 9.49
C LYS B 3 17.30 6.34 8.15
N ILE B 4 16.56 5.22 8.11
CA ILE B 4 16.46 4.43 6.89
C ILE B 4 15.55 5.13 5.89
N LEU B 5 14.44 5.68 6.37
CA LEU B 5 13.53 6.41 5.49
C LEU B 5 14.24 7.53 4.75
N HIS B 6 14.96 8.37 5.49
CA HIS B 6 15.73 9.45 4.89
C HIS B 6 16.67 8.92 3.83
N ARG B 7 17.41 7.86 4.16
CA ARG B 7 18.34 7.27 3.20
C ARG B 7 17.60 6.81 1.94
N LEU B 8 16.48 6.10 2.12
CA LEU B 8 15.78 5.54 0.97
C LEU B 8 15.12 6.63 0.15
N LEU B 9 14.73 7.73 0.78
CA LEU B 9 14.15 8.86 0.06
C LEU B 9 15.19 9.66 -0.69
N GLN B 10 16.46 9.28 -0.54
CA GLN B 10 17.63 9.83 -1.20
C GLN B 10 17.99 11.20 -0.63
C ACT C . 6.77 -6.46 -5.51
O ACT C . 7.75 -6.61 -6.29
OXT ACT C . 6.48 -5.49 -4.76
CH3 ACT C . 5.75 -7.65 -5.47
C7 A1IQN D . -1.59 -7.22 3.23
C8 A1IQN D . -1.67 -6.76 4.72
C9 A1IQN D . -1.38 -8.03 5.56
C1 A1IQN D . 0.03 -11.24 3.72
C5 A1IQN D . -0.53 -8.92 4.62
C6 A1IQN D . -0.50 -10.42 4.90
C4 A1IQN D . -1.35 -8.74 3.31
C3 A1IQN D . -0.73 -9.49 2.16
C2 A1IQN D . -0.75 -10.97 2.42
C10 A1IQN D . -0.15 -8.90 1.11
C11 A1IQN D . 0.54 -9.54 0.03
C12 A1IQN D . 1.54 -8.99 -0.73
C13 A1IQN D . 2.17 -9.74 -1.88
C14 A1IQN D . 2.42 -8.90 -3.11
C15 A1IQN D . 3.21 -7.67 -2.72
C16 A1IQN D . 2.45 -6.86 -1.69
C17 A1IQN D . 2.18 -7.69 -0.45
C18 A1IQN D . 2.60 -7.29 0.73
C21 A1IQN D . 0.89 -8.37 4.43
C22 A1IQN D . -0.89 -7.71 6.98
C23 A1IQN D . -2.05 -7.49 7.96
C24 A1IQN D . 0.11 -6.54 7.07
C25 A1IQN D . 1.12 -6.71 8.11
C26 A1IQN D . 1.95 -6.92 8.97
C28 A1IQN D . 2.83 -6.36 11.77
C29 A1IQN D . 4.87 -7.05 9.59
C30 A1IQN D . 2.95 -9.18 10.65
O19 A1IQN D . 3.20 -5.70 -1.35
O20 A1IQN D . 1.16 -8.49 -3.68
SI27 A1IQN D . 3.17 -7.37 10.26
#